data_1A7V
#
_entry.id   1A7V
#
_cell.length_a   63.000
_cell.length_b   113.500
_cell.length_c   34.500
_cell.angle_alpha   90.00
_cell.angle_beta   90.00
_cell.angle_gamma   90.00
#
_symmetry.space_group_name_H-M   'P 21 21 21'
#
loop_
_entity.id
_entity.type
_entity.pdbx_description
1 polymer "CYTOCHROME C'"
2 non-polymer 'PROTOPORPHYRIN IX CONTAINING FE'
3 water water
#
_entity_poly.entity_id   1
_entity_poly.type   'polypeptide(L)'
_entity_poly.pdbx_seq_one_letter_code
;QTDVIAQRKAILKQMGEATKPIAAMLKGEAKFDQAVVQKSLAAIADDSKKLPALFPADSKTGGDTAALPKIWEDKAKFDD
LFAKLAAAATAAQGTIKDEASLKANIGGVLGNCKSCHDDFRAKKS
;
_entity_poly.pdbx_strand_id   A,B
#
loop_
_chem_comp.id
_chem_comp.type
_chem_comp.name
_chem_comp.formula
HEM non-polymer 'PROTOPORPHYRIN IX CONTAINING FE' 'C34 H32 Fe N4 O4'
#
# COMPACT_ATOMS: atom_id res chain seq x y z
N GLN A 1 -11.35 -1.78 11.21
CA GLN A 1 -9.96 -1.40 11.59
C GLN A 1 -9.25 -2.58 12.24
N THR A 2 -7.96 -2.42 12.49
CA THR A 2 -7.11 -3.46 13.08
C THR A 2 -5.88 -2.80 13.71
N ASP A 3 -5.02 -3.61 14.32
CA ASP A 3 -3.80 -3.08 14.95
C ASP A 3 -2.75 -2.86 13.86
N VAL A 4 -2.96 -1.79 13.09
CA VAL A 4 -2.09 -1.43 11.98
C VAL A 4 -0.68 -1.05 12.45
N ILE A 5 -0.56 -0.47 13.64
CA ILE A 5 0.73 -0.08 14.19
C ILE A 5 1.64 -1.30 14.40
N ALA A 6 1.05 -2.39 14.90
CA ALA A 6 1.81 -3.62 15.13
C ALA A 6 2.23 -4.17 13.77
N GLN A 7 1.32 -4.04 12.80
CA GLN A 7 1.52 -4.49 11.43
C GLN A 7 2.75 -3.80 10.82
N ARG A 8 2.73 -2.47 10.80
CA ARG A 8 3.82 -1.69 10.22
C ARG A 8 5.16 -1.83 10.94
N LYS A 9 5.16 -1.78 12.27
CA LYS A 9 6.42 -1.91 13.02
C LYS A 9 7.08 -3.24 12.74
N ALA A 10 6.26 -4.28 12.53
CA ALA A 10 6.77 -5.61 12.21
C ALA A 10 7.47 -5.62 10.85
N ILE A 11 6.81 -5.06 9.84
CA ILE A 11 7.37 -4.99 8.49
C ILE A 11 8.62 -4.12 8.44
N LEU A 12 8.57 -2.98 9.14
CA LEU A 12 9.72 -2.09 9.19
C LEU A 12 10.90 -2.77 9.89
N LYS A 13 10.60 -3.61 10.88
CA LYS A 13 11.65 -4.34 11.59
C LYS A 13 12.30 -5.32 10.61
N GLN A 14 11.49 -5.87 9.71
CA GLN A 14 11.96 -6.80 8.69
C GLN A 14 12.93 -6.09 7.74
N MET A 15 12.68 -4.81 7.47
CA MET A 15 13.53 -4.03 6.59
C MET A 15 14.90 -3.81 7.23
N GLY A 16 14.89 -3.60 8.54
CA GLY A 16 16.12 -3.41 9.28
C GLY A 16 16.93 -4.70 9.23
N GLU A 17 16.25 -5.82 9.47
CA GLU A 17 16.87 -7.13 9.45
C GLU A 17 17.46 -7.40 8.08
N ALA A 18 16.75 -6.97 7.04
CA ALA A 18 17.16 -7.15 5.66
C ALA A 18 18.46 -6.41 5.32
N THR A 19 18.69 -5.28 5.96
CA THR A 19 19.90 -4.50 5.69
C THR A 19 21.15 -5.08 6.39
N LYS A 20 20.92 -5.88 7.43
CA LYS A 20 22.02 -6.49 8.19
C LYS A 20 23.09 -7.20 7.35
N PRO A 21 22.67 -8.12 6.44
CA PRO A 21 23.65 -8.83 5.62
C PRO A 21 24.49 -7.86 4.79
N ILE A 22 23.82 -6.83 4.27
CA ILE A 22 24.47 -5.83 3.45
C ILE A 22 25.48 -5.02 4.28
N ALA A 23 25.09 -4.63 5.49
CA ALA A 23 25.98 -3.85 6.34
C ALA A 23 27.19 -4.69 6.75
N ALA A 24 26.97 -5.99 6.90
CA ALA A 24 28.04 -6.91 7.26
C ALA A 24 29.08 -6.92 6.14
N MET A 25 28.59 -6.95 4.90
CA MET A 25 29.44 -6.94 3.72
C MET A 25 30.24 -5.65 3.58
N LEU A 26 29.60 -4.51 3.83
CA LEU A 26 30.27 -3.21 3.75
C LEU A 26 31.38 -3.14 4.79
N LYS A 27 31.06 -3.61 5.99
CA LYS A 27 32.00 -3.63 7.11
C LYS A 27 33.08 -4.70 6.94
N GLY A 28 33.06 -5.40 5.82
CA GLY A 28 34.04 -6.44 5.55
C GLY A 28 33.91 -7.63 6.48
N GLU A 29 32.81 -7.72 7.19
CA GLU A 29 32.60 -8.83 8.12
C GLU A 29 31.94 -10.06 7.49
N ALA A 30 31.53 -9.97 6.24
CA ALA A 30 30.90 -11.09 5.55
C ALA A 30 31.37 -11.08 4.12
N LYS A 31 31.55 -12.23 3.51
CA LYS A 31 31.99 -12.33 2.14
C LYS A 31 30.83 -11.91 1.23
N PHE A 32 31.11 -11.14 0.17
CA PHE A 32 30.07 -10.70 -0.75
C PHE A 32 29.28 -11.90 -1.30
N ASP A 33 27.97 -11.83 -1.20
CA ASP A 33 27.09 -12.88 -1.68
C ASP A 33 25.98 -12.21 -2.48
N GLN A 34 26.02 -12.38 -3.80
CA GLN A 34 25.02 -11.76 -4.66
C GLN A 34 23.60 -12.24 -4.38
N ALA A 35 23.44 -13.52 -4.07
CA ALA A 35 22.12 -14.08 -3.77
C ALA A 35 21.50 -13.43 -2.54
N VAL A 36 22.32 -13.22 -1.51
CA VAL A 36 21.87 -12.62 -0.26
C VAL A 36 21.50 -11.14 -0.46
N VAL A 37 22.30 -10.43 -1.24
CA VAL A 37 22.04 -9.02 -1.53
C VAL A 37 20.70 -8.88 -2.26
N GLN A 38 20.57 -9.61 -3.36
CA GLN A 38 19.35 -9.58 -4.15
C GLN A 38 18.14 -9.98 -3.31
N LYS A 39 18.31 -10.94 -2.41
CA LYS A 39 17.20 -11.38 -1.56
C LYS A 39 16.76 -10.22 -0.66
N SER A 40 17.73 -9.51 -0.09
CA SER A 40 17.44 -8.38 0.78
C SER A 40 16.84 -7.20 0.03
N LEU A 41 17.32 -6.94 -1.19
CA LEU A 41 16.81 -5.84 -1.99
C LEU A 41 15.37 -6.08 -2.43
N ALA A 42 15.07 -7.33 -2.77
CA ALA A 42 13.73 -7.73 -3.18
C ALA A 42 12.76 -7.60 -2.00
N ALA A 43 13.22 -8.02 -0.82
CA ALA A 43 12.40 -7.93 0.38
C ALA A 43 12.08 -6.46 0.69
N ILE A 44 13.10 -5.62 0.60
CA ILE A 44 12.95 -4.18 0.86
C ILE A 44 11.95 -3.54 -0.10
N ALA A 45 12.09 -3.87 -1.39
CA ALA A 45 11.20 -3.33 -2.41
C ALA A 45 9.76 -3.77 -2.22
N ASP A 46 9.56 -5.03 -1.83
CA ASP A 46 8.21 -5.56 -1.62
C ASP A 46 7.53 -4.92 -0.41
N ASP A 47 8.27 -4.79 0.68
CA ASP A 47 7.74 -4.19 1.90
C ASP A 47 7.38 -2.71 1.68
N SER A 48 8.17 -2.01 0.86
CA SER A 48 7.94 -0.60 0.56
C SER A 48 6.58 -0.38 -0.13
N LYS A 49 6.10 -1.39 -0.82
CA LYS A 49 4.81 -1.30 -1.51
C LYS A 49 3.64 -1.65 -0.61
N LYS A 50 3.92 -2.35 0.49
CA LYS A 50 2.89 -2.73 1.44
C LYS A 50 2.65 -1.62 2.47
N LEU A 51 3.73 -0.97 2.89
CA LEU A 51 3.68 0.08 3.89
C LEU A 51 2.81 1.33 3.65
N PRO A 52 2.67 1.81 2.41
CA PRO A 52 1.83 2.99 2.19
C PRO A 52 0.40 2.86 2.68
N ALA A 53 -0.06 1.62 2.78
CA ALA A 53 -1.43 1.36 3.22
C ALA A 53 -1.56 1.24 4.73
N LEU A 54 -0.44 1.26 5.44
CA LEU A 54 -0.45 1.09 6.87
C LEU A 54 -0.31 2.33 7.74
N PHE A 55 -0.57 3.52 7.19
CA PHE A 55 -0.44 4.74 7.99
C PHE A 55 -1.73 5.57 8.01
N PRO A 56 -2.79 5.05 8.64
CA PRO A 56 -4.07 5.75 8.73
C PRO A 56 -4.03 6.87 9.75
N ALA A 57 -4.79 7.94 9.50
CA ALA A 57 -4.84 9.09 10.38
C ALA A 57 -5.21 8.79 11.84
N ASP A 58 -5.86 7.65 12.07
CA ASP A 58 -6.25 7.28 13.42
C ASP A 58 -5.17 6.49 14.16
N SER A 59 -3.99 6.36 13.57
CA SER A 59 -2.90 5.62 14.20
C SER A 59 -1.75 6.48 14.70
N LYS A 60 -2.04 7.70 15.12
CA LYS A 60 -0.98 8.59 15.60
C LYS A 60 -0.85 8.72 17.13
N THR A 61 -1.87 8.26 17.85
CA THR A 61 -1.85 8.37 19.31
C THR A 61 -1.90 7.03 20.06
N GLY A 62 -1.08 6.08 19.64
CA GLY A 62 -1.08 4.76 20.26
C GLY A 62 -0.39 4.66 21.61
N GLY A 63 0.81 5.23 21.69
CA GLY A 63 1.56 5.20 22.91
C GLY A 63 2.82 4.38 22.68
N ASP A 64 2.84 3.61 21.59
CA ASP A 64 3.96 2.77 21.22
C ASP A 64 4.35 2.95 19.75
N THR A 65 4.16 4.16 19.22
CA THR A 65 4.51 4.45 17.83
C THR A 65 5.48 5.62 17.75
N ALA A 66 6.41 5.54 16.80
CA ALA A 66 7.40 6.58 16.59
C ALA A 66 7.04 7.43 15.38
N ALA A 67 5.90 7.13 14.76
CA ALA A 67 5.43 7.88 13.61
C ALA A 67 5.07 9.31 14.04
N LEU A 68 5.62 10.30 13.35
CA LEU A 68 5.35 11.70 13.68
C LEU A 68 4.10 12.24 12.98
N PRO A 69 3.39 13.17 13.64
CA PRO A 69 2.18 13.77 13.06
C PRO A 69 2.41 14.35 11.67
N LYS A 70 3.64 14.81 11.41
CA LYS A 70 3.96 15.39 10.10
C LYS A 70 3.67 14.46 8.94
N ILE A 71 3.66 13.15 9.20
CA ILE A 71 3.36 12.16 8.17
C ILE A 71 2.03 12.52 7.53
N TRP A 72 1.07 12.90 8.37
CA TRP A 72 -0.26 13.23 7.89
C TRP A 72 -0.42 14.65 7.36
N GLU A 73 0.58 15.48 7.63
CA GLU A 73 0.56 16.85 7.15
C GLU A 73 1.23 16.87 5.79
N ASP A 74 2.09 15.88 5.54
CA ASP A 74 2.82 15.76 4.29
C ASP A 74 2.70 14.32 3.77
N LYS A 75 1.46 13.82 3.70
CA LYS A 75 1.20 12.44 3.27
C LYS A 75 1.61 12.10 1.84
N ALA A 76 1.51 13.05 0.92
CA ALA A 76 1.90 12.80 -0.47
C ALA A 76 3.41 12.53 -0.53
N LYS A 77 4.16 13.32 0.22
CA LYS A 77 5.62 13.21 0.27
C LYS A 77 6.03 11.90 0.93
N PHE A 78 5.41 11.60 2.06
CA PHE A 78 5.65 10.38 2.82
C PHE A 78 5.46 9.12 1.97
N ASP A 79 4.31 9.04 1.29
CA ASP A 79 4.02 7.89 0.44
C ASP A 79 5.05 7.73 -0.65
N ASP A 80 5.39 8.83 -1.31
CA ASP A 80 6.36 8.82 -2.40
C ASP A 80 7.73 8.37 -1.95
N LEU A 81 8.09 8.65 -0.71
CA LEU A 81 9.39 8.23 -0.19
C LEU A 81 9.47 6.70 -0.22
N PHE A 82 8.37 6.05 0.12
CA PHE A 82 8.33 4.59 0.08
C PHE A 82 8.46 4.12 -1.37
N ALA A 83 7.87 4.90 -2.28
CA ALA A 83 7.91 4.59 -3.70
C ALA A 83 9.33 4.72 -4.22
N LYS A 84 10.03 5.75 -3.73
CA LYS A 84 11.41 6.01 -4.11
C LYS A 84 12.31 4.88 -3.63
N LEU A 85 12.04 4.37 -2.43
CA LEU A 85 12.82 3.28 -1.86
C LEU A 85 12.62 2.03 -2.70
N ALA A 86 11.36 1.69 -2.97
CA ALA A 86 11.03 0.51 -3.76
C ALA A 86 11.72 0.58 -5.13
N ALA A 87 11.64 1.75 -5.76
CA ALA A 87 12.24 1.95 -7.07
C ALA A 87 13.76 1.85 -7.03
N ALA A 88 14.36 2.39 -5.95
CA ALA A 88 15.81 2.37 -5.79
C ALA A 88 16.30 0.94 -5.56
N ALA A 89 15.57 0.21 -4.72
CA ALA A 89 15.90 -1.18 -4.41
C ALA A 89 15.80 -2.07 -5.66
N THR A 90 14.73 -1.90 -6.43
CA THR A 90 14.55 -2.67 -7.65
C THR A 90 15.64 -2.36 -8.67
N ALA A 91 16.08 -1.10 -8.70
CA ALA A 91 17.12 -0.71 -9.63
C ALA A 91 18.45 -1.34 -9.17
N ALA A 92 18.69 -1.26 -7.87
CA ALA A 92 19.90 -1.79 -7.27
C ALA A 92 20.05 -3.27 -7.59
N GLN A 93 18.94 -3.99 -7.58
CA GLN A 93 18.92 -5.41 -7.89
C GLN A 93 19.58 -5.66 -9.24
N GLY A 94 19.40 -4.73 -10.17
CA GLY A 94 19.97 -4.87 -11.49
C GLY A 94 21.37 -4.32 -11.69
N THR A 95 21.82 -3.44 -10.81
CA THR A 95 23.14 -2.84 -10.97
C THR A 95 24.21 -3.42 -10.03
N ILE A 96 23.79 -4.11 -8.99
CA ILE A 96 24.73 -4.70 -8.04
C ILE A 96 25.12 -6.10 -8.47
N LYS A 97 26.29 -6.21 -9.10
CA LYS A 97 26.81 -7.48 -9.57
C LYS A 97 27.98 -8.04 -8.78
N ASP A 98 28.70 -7.17 -8.07
CA ASP A 98 29.84 -7.58 -7.28
C ASP A 98 30.08 -6.63 -6.11
N GLU A 99 31.11 -6.93 -5.31
CA GLU A 99 31.44 -6.11 -4.16
C GLU A 99 31.66 -4.65 -4.54
N ALA A 100 32.35 -4.41 -5.64
CA ALA A 100 32.62 -3.05 -6.11
C ALA A 100 31.32 -2.28 -6.40
N SER A 101 30.38 -2.94 -7.07
CA SER A 101 29.12 -2.28 -7.39
C SER A 101 28.18 -2.17 -6.18
N LEU A 102 28.38 -3.01 -5.17
CA LEU A 102 27.57 -2.93 -3.96
C LEU A 102 27.98 -1.63 -3.29
N LYS A 103 29.28 -1.51 -3.04
CA LYS A 103 29.84 -0.33 -2.39
C LYS A 103 29.45 0.93 -3.16
N ALA A 104 29.38 0.81 -4.48
CA ALA A 104 29.04 1.93 -5.35
C ALA A 104 27.56 2.27 -5.46
N ASN A 105 26.69 1.26 -5.41
CA ASN A 105 25.25 1.49 -5.57
C ASN A 105 24.34 1.44 -4.35
N ILE A 106 24.77 0.77 -3.30
CA ILE A 106 23.94 0.63 -2.10
C ILE A 106 23.53 1.93 -1.40
N GLY A 107 24.31 2.99 -1.56
CA GLY A 107 23.99 4.24 -0.91
C GLY A 107 22.68 4.85 -1.34
N GLY A 108 22.37 4.78 -2.63
CA GLY A 108 21.14 5.33 -3.15
C GLY A 108 19.92 4.70 -2.52
N VAL A 109 20.03 3.40 -2.21
CA VAL A 109 18.94 2.66 -1.59
C VAL A 109 18.79 3.06 -0.12
N LEU A 110 19.84 2.80 0.67
CA LEU A 110 19.86 3.09 2.10
C LEU A 110 19.70 4.56 2.48
N GLY A 111 19.99 5.46 1.54
CA GLY A 111 19.83 6.87 1.82
C GLY A 111 18.38 7.23 2.07
N ASN A 112 17.48 6.45 1.49
CA ASN A 112 16.04 6.68 1.65
C ASN A 112 15.57 6.45 3.07
N CYS A 113 16.13 5.46 3.74
CA CYS A 113 15.78 5.15 5.13
C CYS A 113 15.99 6.39 5.99
N LYS A 114 17.16 7.01 5.83
CA LYS A 114 17.52 8.20 6.60
C LYS A 114 16.65 9.40 6.23
N SER A 115 16.41 9.61 4.94
CA SER A 115 15.58 10.72 4.47
C SER A 115 14.23 10.77 5.15
N CYS A 116 13.58 9.61 5.23
CA CYS A 116 12.26 9.55 5.85
C CYS A 116 12.34 9.71 7.35
N HIS A 117 13.22 8.95 7.98
CA HIS A 117 13.40 9.01 9.44
C HIS A 117 13.68 10.42 9.94
N ASP A 118 14.43 11.20 9.17
CA ASP A 118 14.76 12.57 9.55
C ASP A 118 13.51 13.41 9.77
N ASP A 119 12.57 13.32 8.83
CA ASP A 119 11.35 14.11 8.90
C ASP A 119 10.12 13.46 9.52
N PHE A 120 10.00 12.15 9.41
CA PHE A 120 8.79 11.46 9.90
C PHE A 120 8.90 10.51 11.07
N ARG A 121 10.07 10.35 11.67
CA ARG A 121 10.20 9.45 12.79
C ARG A 121 10.83 10.12 14.01
N ALA A 122 10.25 9.85 15.17
CA ALA A 122 10.71 10.44 16.42
C ALA A 122 12.05 9.88 16.89
N LYS A 123 12.99 10.79 17.13
CA LYS A 123 14.32 10.44 17.64
C LYS A 123 14.07 10.10 19.10
N LYS A 124 14.50 8.92 19.55
CA LYS A 124 14.27 8.54 20.94
C LYS A 124 14.70 7.15 21.39
N SER A 125 14.19 6.81 22.58
CA SER A 125 14.40 5.54 23.25
C SER A 125 15.84 5.14 23.62
N GLN B 1 10.52 2.52 -15.66
CA GLN B 1 9.75 1.70 -14.68
C GLN B 1 8.38 1.33 -15.23
N THR B 2 7.56 0.68 -14.42
CA THR B 2 6.22 0.26 -14.81
C THR B 2 5.21 1.40 -14.69
N ASP B 3 4.21 1.39 -15.57
CA ASP B 3 3.19 2.43 -15.56
C ASP B 3 2.21 2.17 -14.41
N VAL B 4 2.33 2.96 -13.36
CA VAL B 4 1.46 2.84 -12.20
C VAL B 4 0.01 3.08 -12.59
N ILE B 5 -0.23 3.94 -13.58
CA ILE B 5 -1.58 4.23 -14.03
C ILE B 5 -2.23 3.00 -14.65
N ALA B 6 -1.50 2.29 -15.50
CA ALA B 6 -2.04 1.08 -16.12
C ALA B 6 -2.28 0.07 -15.01
N GLN B 7 -1.33 0.00 -14.09
CA GLN B 7 -1.40 -0.91 -12.94
C GLN B 7 -2.65 -0.70 -12.10
N ARG B 8 -2.87 0.54 -11.66
CA ARG B 8 -4.01 0.85 -10.83
C ARG B 8 -5.35 0.72 -11.54
N LYS B 9 -5.43 1.19 -12.78
CA LYS B 9 -6.69 1.09 -13.53
C LYS B 9 -7.09 -0.38 -13.64
N ALA B 10 -6.09 -1.25 -13.84
CA ALA B 10 -6.32 -2.68 -13.95
C ALA B 10 -6.92 -3.24 -12.67
N ILE B 11 -6.27 -2.95 -11.53
CA ILE B 11 -6.73 -3.42 -10.24
C ILE B 11 -8.12 -2.89 -9.89
N LEU B 12 -8.33 -1.60 -10.19
CA LEU B 12 -9.62 -0.97 -9.92
C LEU B 12 -10.72 -1.59 -10.79
N LYS B 13 -10.36 -1.98 -12.01
CA LYS B 13 -11.30 -2.62 -12.94
C LYS B 13 -11.73 -3.95 -12.34
N GLN B 14 -10.78 -4.62 -11.68
CA GLN B 14 -11.04 -5.90 -11.05
C GLN B 14 -11.98 -5.76 -9.86
N MET B 15 -11.93 -4.61 -9.18
CA MET B 15 -12.83 -4.38 -8.06
C MET B 15 -14.24 -4.22 -8.60
N GLY B 16 -14.36 -3.55 -9.76
CA GLY B 16 -15.64 -3.36 -10.39
C GLY B 16 -16.23 -4.72 -10.76
N GLU B 17 -15.41 -5.57 -11.37
CA GLU B 17 -15.84 -6.91 -11.76
C GLU B 17 -16.25 -7.72 -10.53
N ALA B 18 -15.50 -7.55 -9.44
CA ALA B 18 -15.77 -8.26 -8.20
C ALA B 18 -17.14 -7.93 -7.62
N THR B 19 -17.60 -6.70 -7.81
CA THR B 19 -18.89 -6.28 -7.28
C THR B 19 -20.08 -6.85 -8.07
N LYS B 20 -19.87 -7.14 -9.34
CA LYS B 20 -20.91 -7.67 -10.22
C LYS B 20 -21.72 -8.83 -9.64
N PRO B 21 -21.06 -9.89 -9.13
CA PRO B 21 -21.83 -11.01 -8.57
C PRO B 21 -22.75 -10.52 -7.45
N ILE B 22 -22.22 -9.63 -6.63
CA ILE B 22 -22.97 -9.08 -5.50
C ILE B 22 -24.15 -8.24 -5.95
N ALA B 23 -23.96 -7.45 -6.99
CA ALA B 23 -25.04 -6.61 -7.51
C ALA B 23 -26.13 -7.47 -8.15
N ALA B 24 -25.71 -8.58 -8.79
CA ALA B 24 -26.66 -9.48 -9.40
C ALA B 24 -27.57 -10.05 -8.30
N MET B 25 -26.95 -10.43 -7.18
CA MET B 25 -27.68 -10.98 -6.03
C MET B 25 -28.67 -9.98 -5.42
N LEU B 26 -28.26 -8.72 -5.30
CA LEU B 26 -29.14 -7.69 -4.76
C LEU B 26 -30.36 -7.49 -5.67
N LYS B 27 -30.09 -7.42 -6.98
CA LYS B 27 -31.14 -7.23 -7.98
C LYS B 27 -31.95 -8.52 -8.20
N GLY B 28 -31.67 -9.54 -7.39
CA GLY B 28 -32.40 -10.79 -7.50
C GLY B 28 -32.15 -11.57 -8.77
N GLU B 29 -31.11 -11.20 -9.51
CA GLU B 29 -30.79 -11.86 -10.77
C GLU B 29 -29.93 -13.11 -10.58
N ALA B 30 -29.45 -13.32 -9.36
CA ALA B 30 -28.63 -14.49 -9.08
C ALA B 30 -28.98 -15.03 -7.71
N LYS B 31 -28.92 -16.33 -7.55
CA LYS B 31 -29.22 -16.93 -6.27
C LYS B 31 -28.04 -16.65 -5.34
N PHE B 32 -28.35 -16.36 -4.09
CA PHE B 32 -27.33 -16.06 -3.10
C PHE B 32 -26.31 -17.19 -3.00
N ASP B 33 -25.04 -16.83 -3.10
CA ASP B 33 -23.97 -17.80 -3.02
C ASP B 33 -22.92 -17.23 -2.07
N GLN B 34 -22.87 -17.80 -0.88
CA GLN B 34 -21.93 -17.41 0.16
C GLN B 34 -20.47 -17.45 -0.30
N ALA B 35 -20.10 -18.51 -1.03
CA ALA B 35 -18.73 -18.66 -1.53
C ALA B 35 -18.33 -17.53 -2.47
N VAL B 36 -19.25 -17.17 -3.35
CA VAL B 36 -19.02 -16.12 -4.34
C VAL B 36 -18.89 -14.74 -3.66
N VAL B 37 -19.72 -14.50 -2.66
CA VAL B 37 -19.68 -13.23 -1.93
C VAL B 37 -18.33 -13.10 -1.22
N GLN B 38 -17.96 -14.11 -0.44
CA GLN B 38 -16.71 -14.11 0.29
C GLN B 38 -15.53 -13.97 -0.67
N LYS B 39 -15.63 -14.60 -1.83
CA LYS B 39 -14.59 -14.55 -2.86
C LYS B 39 -14.38 -13.11 -3.30
N SER B 40 -15.48 -12.42 -3.57
CA SER B 40 -15.46 -11.03 -4.00
C SER B 40 -15.01 -10.05 -2.91
N LEU B 41 -15.39 -10.33 -1.67
CA LEU B 41 -15.00 -9.45 -0.57
C LEU B 41 -13.50 -9.57 -0.29
N ALA B 42 -12.99 -10.79 -0.34
CA ALA B 42 -11.58 -11.06 -0.11
C ALA B 42 -10.74 -10.34 -1.17
N ALA B 43 -11.22 -10.40 -2.41
CA ALA B 43 -10.55 -9.76 -3.54
C ALA B 43 -10.52 -8.25 -3.35
N ILE B 44 -11.67 -7.67 -2.97
CA ILE B 44 -11.79 -6.24 -2.74
C ILE B 44 -10.85 -5.77 -1.61
N ALA B 45 -10.84 -6.53 -0.51
CA ALA B 45 -10.00 -6.20 0.64
C ALA B 45 -8.51 -6.26 0.28
N ASP B 46 -8.13 -7.26 -0.50
CA ASP B 46 -6.74 -7.41 -0.91
C ASP B 46 -6.28 -6.29 -1.83
N ASP B 47 -7.08 -5.97 -2.84
CA ASP B 47 -6.75 -4.90 -3.77
C ASP B 47 -6.65 -3.54 -3.07
N SER B 48 -7.51 -3.32 -2.08
CA SER B 48 -7.52 -2.07 -1.33
C SER B 48 -6.20 -1.82 -0.59
N LYS B 49 -5.45 -2.88 -0.32
CA LYS B 49 -4.17 -2.78 0.38
C LYS B 49 -3.02 -2.56 -0.57
N LYS B 50 -3.25 -2.87 -1.86
CA LYS B 50 -2.24 -2.72 -2.89
C LYS B 50 -2.27 -1.33 -3.48
N LEU B 51 -3.48 -0.83 -3.67
CA LEU B 51 -3.70 0.49 -4.26
C LEU B 51 -3.07 1.74 -3.63
N PRO B 52 -2.92 1.79 -2.29
CA PRO B 52 -2.31 3.00 -1.71
C PRO B 52 -0.89 3.29 -2.19
N ALA B 53 -0.22 2.28 -2.74
CA ALA B 53 1.14 2.45 -3.24
C ALA B 53 1.18 2.86 -4.71
N LEU B 54 0.01 2.89 -5.36
CA LEU B 54 -0.05 3.19 -6.77
C LEU B 54 -0.47 4.59 -7.19
N PHE B 55 -0.40 5.56 -6.29
CA PHE B 55 -0.80 6.92 -6.64
C PHE B 55 0.30 7.95 -6.39
N PRO B 56 1.42 7.88 -7.15
CA PRO B 56 2.53 8.82 -7.00
C PRO B 56 2.20 10.19 -7.58
N ALA B 57 2.81 11.23 -7.02
CA ALA B 57 2.58 12.60 -7.47
C ALA B 57 2.87 12.84 -8.96
N ASP B 58 3.71 11.99 -9.56
CA ASP B 58 4.04 12.15 -10.97
C ASP B 58 3.06 11.46 -11.91
N SER B 59 1.97 10.91 -11.38
CA SER B 59 0.98 10.23 -12.19
C SER B 59 -0.32 11.01 -12.30
N LYS B 60 -0.23 12.33 -12.12
CA LYS B 60 -1.40 13.20 -12.20
C LYS B 60 -1.92 13.21 -13.64
N THR B 61 -1.00 13.06 -14.60
CA THR B 61 -1.33 13.06 -16.01
C THR B 61 -0.63 11.89 -16.70
N GLY B 62 -1.40 11.04 -17.37
CA GLY B 62 -0.84 9.90 -18.04
C GLY B 62 -1.92 9.05 -18.68
N GLY B 63 -1.64 7.76 -18.83
CA GLY B 63 -2.58 6.82 -19.46
C GLY B 63 -4.05 6.96 -19.14
N ASP B 64 -4.71 7.92 -19.78
CA ASP B 64 -6.14 8.19 -19.61
C ASP B 64 -6.57 8.05 -18.15
N THR B 65 -6.03 8.93 -17.30
CA THR B 65 -6.34 8.83 -15.88
C THR B 65 -7.49 9.70 -15.42
N ALA B 66 -8.34 9.13 -14.56
CA ALA B 66 -9.49 9.82 -14.02
C ALA B 66 -9.21 10.33 -12.61
N ALA B 67 -7.98 10.11 -12.15
CA ALA B 67 -7.56 10.54 -10.82
C ALA B 67 -7.54 12.07 -10.79
N LEU B 68 -8.13 12.65 -9.76
CA LEU B 68 -8.16 14.11 -9.62
C LEU B 68 -6.99 14.61 -8.76
N PRO B 69 -6.50 15.83 -9.04
CA PRO B 69 -5.39 16.44 -8.31
C PRO B 69 -5.63 16.50 -6.80
N LYS B 70 -6.90 16.55 -6.40
CA LYS B 70 -7.27 16.61 -4.98
C LYS B 70 -6.72 15.43 -4.20
N ILE B 71 -6.47 14.33 -4.88
CA ILE B 71 -5.91 13.12 -4.28
C ILE B 71 -4.62 13.49 -3.56
N TRP B 72 -3.80 14.29 -4.24
CA TRP B 72 -2.52 14.71 -3.68
C TRP B 72 -2.60 15.92 -2.75
N GLU B 73 -3.76 16.55 -2.71
CA GLU B 73 -3.97 17.68 -1.82
C GLU B 73 -4.53 17.14 -0.51
N ASP B 74 -5.12 15.95 -0.58
CA ASP B 74 -5.72 15.30 0.57
C ASP B 74 -5.30 13.82 0.61
N LYS B 75 -4.01 13.57 0.47
CA LYS B 75 -3.47 12.21 0.43
C LYS B 75 -3.79 11.35 1.66
N ALA B 76 -3.72 11.93 2.86
CA ALA B 76 -3.99 11.18 4.08
C ALA B 76 -5.42 10.62 4.09
N LYS B 77 -6.35 11.43 3.61
CA LYS B 77 -7.76 11.05 3.54
C LYS B 77 -7.97 9.97 2.47
N PHE B 78 -7.40 10.19 1.30
CA PHE B 78 -7.48 9.26 0.17
C PHE B 78 -7.00 7.86 0.60
N ASP B 79 -5.80 7.78 1.14
CA ASP B 79 -5.23 6.51 1.59
C ASP B 79 -6.14 5.81 2.59
N ASP B 80 -6.61 6.58 3.56
CA ASP B 80 -7.49 6.07 4.60
C ASP B 80 -8.80 5.51 4.07
N LEU B 81 -9.29 6.07 2.96
CA LEU B 81 -10.51 5.59 2.36
C LEU B 81 -10.31 4.14 1.89
N PHE B 82 -9.14 3.86 1.35
CA PHE B 82 -8.82 2.51 0.88
C PHE B 82 -8.72 1.60 2.09
N ALA B 83 -8.23 2.15 3.20
CA ALA B 83 -8.08 1.39 4.44
C ALA B 83 -9.45 1.05 5.02
N LYS B 84 -10.38 1.98 4.91
CA LYS B 84 -11.73 1.80 5.41
C LYS B 84 -12.44 0.73 4.57
N LEU B 85 -12.22 0.77 3.27
CA LEU B 85 -12.82 -0.20 2.36
C LEU B 85 -12.31 -1.60 2.71
N ALA B 86 -10.98 -1.75 2.83
CA ALA B 86 -10.37 -3.03 3.16
C ALA B 86 -10.89 -3.56 4.48
N ALA B 87 -10.99 -2.67 5.47
CA ALA B 87 -11.48 -3.02 6.79
C ALA B 87 -12.96 -3.43 6.74
N ALA B 88 -13.75 -2.70 5.96
CA ALA B 88 -15.17 -2.96 5.82
C ALA B 88 -15.39 -4.32 5.15
N ALA B 89 -14.66 -4.55 4.04
CA ALA B 89 -14.76 -5.79 3.28
C ALA B 89 -14.42 -7.00 4.14
N THR B 90 -13.34 -6.89 4.91
CA THR B 90 -12.91 -7.97 5.80
C THR B 90 -13.96 -8.23 6.89
N ALA B 91 -14.61 -7.16 7.36
CA ALA B 91 -15.63 -7.30 8.39
C ALA B 91 -16.84 -7.96 7.78
N ALA B 92 -17.22 -7.49 6.58
CA ALA B 92 -18.37 -8.02 5.86
C ALA B 92 -18.24 -9.52 5.67
N GLN B 93 -17.02 -9.97 5.39
CA GLN B 93 -16.73 -11.38 5.20
C GLN B 93 -17.21 -12.21 6.40
N GLY B 94 -17.18 -11.61 7.58
CA GLY B 94 -17.60 -12.31 8.79
C GLY B 94 -19.05 -12.11 9.19
N THR B 95 -19.71 -11.08 8.66
CA THR B 95 -21.10 -10.82 9.02
C THR B 95 -22.12 -11.27 7.98
N ILE B 96 -21.66 -11.47 6.74
CA ILE B 96 -22.56 -11.89 5.67
C ILE B 96 -22.66 -13.41 5.58
N LYS B 97 -23.70 -13.95 6.22
CA LYS B 97 -23.96 -15.38 6.25
C LYS B 97 -25.10 -15.83 5.33
N ASP B 98 -26.00 -14.91 4.96
CA ASP B 98 -27.13 -15.25 4.09
C ASP B 98 -27.65 -14.03 3.33
N GLU B 99 -28.62 -14.23 2.45
CA GLU B 99 -29.17 -13.13 1.67
C GLU B 99 -29.64 -11.95 2.50
N ALA B 100 -30.27 -12.22 3.64
CA ALA B 100 -30.75 -11.17 4.53
C ALA B 100 -29.59 -10.33 5.08
N SER B 101 -28.50 -10.99 5.44
CA SER B 101 -27.34 -10.28 5.96
C SER B 101 -26.53 -9.61 4.85
N LEU B 102 -26.66 -10.10 3.62
CA LEU B 102 -25.96 -9.49 2.50
C LEU B 102 -26.60 -8.13 2.30
N LYS B 103 -27.91 -8.13 2.11
CA LYS B 103 -28.67 -6.90 1.90
C LYS B 103 -28.45 -5.94 3.07
N ALA B 104 -28.32 -6.50 4.27
CA ALA B 104 -28.13 -5.71 5.48
C ALA B 104 -26.71 -5.17 5.69
N ASN B 105 -25.69 -5.89 5.23
CA ASN B 105 -24.32 -5.47 5.45
C ASN B 105 -23.51 -4.91 4.28
N ILE B 106 -23.88 -5.28 3.06
CA ILE B 106 -23.14 -4.85 1.88
C ILE B 106 -23.00 -3.34 1.66
N GLY B 107 -23.96 -2.56 2.16
CA GLY B 107 -23.91 -1.13 1.99
C GLY B 107 -22.69 -0.46 2.58
N GLY B 108 -22.27 -0.90 3.77
CA GLY B 108 -21.12 -0.33 4.43
C GLY B 108 -19.85 -0.49 3.60
N VAL B 109 -19.77 -1.57 2.84
CA VAL B 109 -18.62 -1.83 2.00
C VAL B 109 -18.69 -0.97 0.73
N LEU B 110 -19.74 -1.19 -0.07
CA LEU B 110 -19.92 -0.49 -1.32
C LEU B 110 -20.11 1.02 -1.21
N GLY B 111 -20.47 1.51 -0.03
CA GLY B 111 -20.62 2.94 0.16
C GLY B 111 -19.28 3.65 -0.02
N ASN B 112 -18.22 2.93 0.31
CA ASN B 112 -16.86 3.46 0.20
C ASN B 112 -16.46 3.83 -1.22
N CYS B 113 -16.88 3.01 -2.19
CA CYS B 113 -16.59 3.25 -3.60
C CYS B 113 -17.09 4.62 -4.03
N LYS B 114 -18.32 4.93 -3.63
CA LYS B 114 -18.94 6.20 -3.96
C LYS B 114 -18.24 7.36 -3.25
N SER B 115 -18.00 7.20 -1.95
CA SER B 115 -17.33 8.22 -1.14
C SER B 115 -16.06 8.74 -1.80
N CYS B 116 -15.22 7.82 -2.25
CA CYS B 116 -13.96 8.21 -2.89
C CYS B 116 -14.20 8.84 -4.24
N HIS B 117 -14.96 8.15 -5.09
CA HIS B 117 -15.26 8.65 -6.43
C HIS B 117 -15.85 10.05 -6.44
N ASP B 118 -16.61 10.38 -5.40
CA ASP B 118 -17.21 11.71 -5.30
C ASP B 118 -16.16 12.82 -5.25
N ASP B 119 -15.14 12.63 -4.39
CA ASP B 119 -14.10 13.63 -4.22
C ASP B 119 -12.84 13.45 -5.05
N PHE B 120 -12.49 12.22 -5.37
CA PHE B 120 -11.24 11.95 -6.07
C PHE B 120 -11.26 11.46 -7.51
N ARG B 121 -12.43 11.23 -8.09
CA ARG B 121 -12.46 10.78 -9.48
C ARG B 121 -13.28 11.69 -10.39
N ALA B 122 -12.76 11.93 -11.59
CA ALA B 122 -13.42 12.78 -12.57
C ALA B 122 -14.63 12.07 -13.20
N LYS B 123 -15.77 12.75 -13.22
CA LYS B 123 -16.98 12.18 -13.81
C LYS B 123 -16.82 12.12 -15.32
N LYS B 124 -17.62 11.27 -15.96
CA LYS B 124 -17.59 11.10 -17.41
C LYS B 124 -18.02 12.35 -18.16
N SER B 125 -18.59 13.28 -17.42
CA SER B 125 -19.06 14.54 -17.99
C SER B 125 -19.15 15.56 -16.86
CHA HEM C . 10.52 2.71 11.80
CHB HEM C . 13.98 0.56 9.28
CHC HEM C . 12.79 3.16 5.48
CHD HEM C . 9.48 5.44 8.04
C1A HEM C . 11.59 1.87 11.46
C2A HEM C . 12.09 0.86 12.28
C3A HEM C . 13.09 0.27 11.55
C4A HEM C . 13.12 0.92 10.34
CMA HEM C . 13.99 -0.88 12.00
CAA HEM C . 11.63 0.49 13.68
CBA HEM C . 10.61 -0.64 13.67
CGA HEM C . 10.35 -1.21 15.04
O1A HEM C . 10.77 -2.35 15.29
O2A HEM C . 9.74 -0.51 15.88
C1B HEM C . 14.04 1.15 8.02
C2B HEM C . 14.95 0.78 7.04
C3B HEM C . 14.59 1.56 5.93
C4B HEM C . 13.52 2.31 6.33
CMB HEM C . 16.13 -0.16 7.20
CAB HEM C . 15.15 1.56 4.66
CBB HEM C . 16.04 0.51 4.17
C1C HEM C . 11.74 4.01 5.82
C2C HEM C . 11.11 4.86 4.93
C3C HEM C . 10.18 5.57 5.70
C4C HEM C . 10.29 5.04 6.98
CMC HEM C . 11.41 5.02 3.44
CAC HEM C . 9.28 6.55 5.33
CBC HEM C . 9.04 6.96 3.95
C1D HEM C . 9.50 4.93 9.35
C2D HEM C . 8.63 5.35 10.34
C3D HEM C . 8.86 4.48 11.40
C4D HEM C . 9.93 3.71 11.00
CMD HEM C . 7.67 6.53 10.30
CAD HEM C . 8.10 4.40 12.70
CBD HEM C . 7.05 3.29 12.70
CGD HEM C . 6.15 3.33 13.93
O1D HEM C . 6.67 3.28 15.06
O2D HEM C . 4.93 3.42 13.77
NA HEM C . 12.25 1.93 10.29
NB HEM C . 13.24 2.15 7.61
NC HEM C . 11.26 4.13 7.06
ND HEM C . 10.35 4.00 9.77
FE HEM C . 11.99 3.25 8.77
CHA HEM D . -11.42 4.12 -10.76
CHB HEM D . -14.20 0.63 -9.07
CHC HEM D . -13.26 2.06 -4.64
CHD HEM D . -10.65 5.67 -6.33
C1A HEM D . -12.29 3.02 -10.72
C2A HEM D . -12.65 2.27 -11.82
C3A HEM D . -13.48 1.27 -11.33
C4A HEM D . -13.54 1.48 -9.97
CMA HEM D . -14.21 0.21 -12.13
CAA HEM D . -12.21 2.46 -13.24
CBA HEM D . -11.01 1.61 -13.60
CGA HEM D . -10.75 1.56 -15.09
O1A HEM D . -10.98 0.49 -15.69
O2A HEM D . -10.36 2.60 -15.67
C1B HEM D . -14.29 0.76 -7.68
C2B HEM D . -15.04 -0.08 -6.86
C3B HEM D . -14.75 0.35 -5.58
C4B HEM D . -13.87 1.40 -5.71
CMB HEM D . -16.09 -1.09 -7.32
CAB HEM D . -15.19 -0.19 -4.36
CBB HEM D . -15.79 -1.51 -4.22
C1C HEM D . -12.42 3.16 -4.69
C2C HEM D . -11.87 3.77 -3.58
C3C HEM D . -11.16 4.85 -4.09
C4C HEM D . -11.27 4.79 -5.45
CMC HEM D . -12.10 3.36 -2.14
CAC HEM D . -10.47 5.84 -3.39
CBC HEM D . -10.32 5.85 -1.96
C1D HEM D . -10.67 5.63 -7.73
C2D HEM D . -9.97 6.49 -8.55
C3D HEM D . -10.10 5.98 -9.81
C4D HEM D . -10.98 4.91 -9.70
CMD HEM D . -9.23 7.74 -8.13
CAD HEM D . -9.41 6.45 -11.07
CBD HEM D . -8.22 5.59 -11.45
CGD HEM D . -7.41 6.18 -12.58
O1D HEM D . -7.97 6.44 -13.66
O2D HEM D . -6.19 6.42 -12.39
NA HEM D . -12.88 2.59 -9.59
NB HEM D . -13.67 1.72 -7.00
NC HEM D . -12.06 3.76 -5.84
ND HEM D . -11.37 4.72 -8.43
FE HEM D . -12.73 3.39 -7.77
#